data_3FRH
#
_entry.id   3FRH
#
_cell.length_a   50.856
_cell.length_b   48.304
_cell.length_c   54.558
_cell.angle_alpha   90.00
_cell.angle_beta   115.05
_cell.angle_gamma   90.00
#
_symmetry.space_group_name_H-M   'P 1 21 1'
#
loop_
_entity.id
_entity.type
_entity.pdbx_description
1 polymer '16S rRNA methylase'
2 non-polymer S-ADENOSYL-L-HOMOCYSTEINE
3 water water
#
_entity_poly.entity_id   1
_entity_poly.type   'polypeptide(L)'
_entity_poly.pdbx_seq_one_letter_code
;YPMNINDALTSILASKKYRALCPDTVRRILTEEWGRHKSPKQTVEAARTRLHGICGAYVTPESLKAAAAALSAGDVKKAL
SLHASTKERLAELDTLYDFIFSAETPRRVLDIACGLNPLALYERGIASVWGCDIHQGLGDVITPFAREKDWDFTFALQDV
LCAPPAEAGDLALIFKLLPLLEREQAGSAMALLQSLNTPRMAVSFPTRSLGGRGKGMEANYAAWFEGGLPAEFEIEDKKT
IGTELIYLIKKNG
;
_entity_poly.pdbx_strand_id   A
#
# COMPACT_ATOMS: atom_id res chain seq x y z
N TYR A 1 -9.39 24.98 -20.42
CA TYR A 1 -8.52 24.06 -19.70
C TYR A 1 -8.28 24.55 -18.27
N PRO A 2 -7.91 23.63 -17.35
CA PRO A 2 -7.77 24.02 -15.95
C PRO A 2 -6.61 24.99 -15.72
N MET A 3 -6.91 26.10 -15.06
CA MET A 3 -5.96 27.18 -14.85
C MET A 3 -5.58 27.34 -13.39
N ASN A 4 -6.13 26.48 -12.54
CA ASN A 4 -5.82 26.47 -11.11
C ASN A 4 -5.95 25.05 -10.56
N ILE A 5 -5.47 24.84 -9.33
CA ILE A 5 -5.44 23.51 -8.74
C ILE A 5 -6.84 22.90 -8.62
N ASN A 6 -7.79 23.67 -8.12
CA ASN A 6 -9.15 23.14 -7.94
C ASN A 6 -9.75 22.61 -9.24
N ASP A 7 -9.62 23.38 -10.30
CA ASP A 7 -10.17 22.98 -11.59
C ASP A 7 -9.41 21.78 -12.18
N ALA A 8 -8.10 21.74 -11.97
CA ALA A 8 -7.32 20.59 -12.42
C ALA A 8 -7.73 19.33 -11.67
N LEU A 9 -7.97 19.47 -10.37
CA LEU A 9 -8.37 18.35 -9.52
C LEU A 9 -9.68 17.76 -10.00
N THR A 10 -10.63 18.64 -10.28
CA THR A 10 -11.93 18.21 -10.76
C THR A 10 -11.80 17.48 -12.09
N SER A 11 -11.00 18.05 -12.98
CA SER A 11 -10.77 17.44 -14.28
C SER A 11 -10.17 16.03 -14.15
N ILE A 12 -9.11 15.91 -13.38
CA ILE A 12 -8.43 14.63 -13.22
C ILE A 12 -9.35 13.58 -12.58
N LEU A 13 -10.10 13.97 -11.56
CA LEU A 13 -10.98 13.01 -10.88
C LEU A 13 -12.17 12.59 -11.74
N ALA A 14 -12.49 13.40 -12.74
CA ALA A 14 -13.58 13.08 -13.66
C ALA A 14 -13.12 12.13 -14.76
N SER A 15 -11.81 12.02 -14.95
CA SER A 15 -11.26 11.20 -16.03
C SER A 15 -11.48 9.71 -15.75
N LYS A 16 -11.63 8.91 -16.80
CA LYS A 16 -11.77 7.48 -16.58
C LYS A 16 -10.52 6.89 -15.94
N LYS A 17 -9.35 7.44 -16.29
CA LYS A 17 -8.09 6.92 -15.80
C LYS A 17 -7.90 7.07 -14.28
N TYR A 18 -8.24 8.24 -13.74
CA TYR A 18 -7.90 8.59 -12.36
C TYR A 18 -9.08 8.70 -11.42
N ARG A 19 -10.28 8.34 -11.87
CA ARG A 19 -11.44 8.57 -11.03
C ARG A 19 -11.48 7.80 -9.71
N ALA A 20 -10.74 6.69 -9.61
CA ALA A 20 -10.75 5.91 -8.38
C ALA A 20 -9.61 6.29 -7.43
N LEU A 21 -8.82 7.28 -7.79
CA LEU A 21 -7.70 7.71 -6.94
C LEU A 21 -8.14 8.57 -5.77
N CYS A 22 -7.48 8.38 -4.63
CA CYS A 22 -7.66 9.23 -3.47
C CYS A 22 -7.59 10.70 -3.88
N PRO A 23 -8.65 11.49 -3.62
CA PRO A 23 -8.60 12.91 -3.99
C PRO A 23 -7.44 13.66 -3.33
N ASP A 24 -7.08 13.29 -2.12
CA ASP A 24 -5.96 13.92 -1.43
C ASP A 24 -4.66 13.74 -2.19
N THR A 25 -4.48 12.58 -2.81
CA THR A 25 -3.30 12.31 -3.62
C THR A 25 -3.25 13.25 -4.81
N VAL A 26 -4.38 13.38 -5.50
CA VAL A 26 -4.42 14.26 -6.65
C VAL A 26 -4.11 15.70 -6.25
N ARG A 27 -4.69 16.16 -5.14
CA ARG A 27 -4.41 17.51 -4.71
C ARG A 27 -2.96 17.67 -4.26
N ARG A 28 -2.42 16.68 -3.55
CA ARG A 28 -1.03 16.73 -3.11
C ARG A 28 -0.08 16.90 -4.28
N ILE A 29 -0.26 16.07 -5.29
CA ILE A 29 0.60 16.12 -6.45
C ILE A 29 0.42 17.44 -7.22
N LEU A 30 -0.82 17.85 -7.45
CA LEU A 30 -1.05 19.10 -8.16
C LEU A 30 -0.42 20.27 -7.43
N THR A 31 -0.53 20.29 -6.10
CA THR A 31 -0.04 21.41 -5.32
C THR A 31 1.49 21.44 -5.36
N GLU A 32 2.12 20.28 -5.22
CA GLU A 32 3.57 20.22 -5.33
C GLU A 32 4.00 20.68 -6.72
N GLU A 33 3.34 20.18 -7.75
CA GLU A 33 3.73 20.57 -9.09
C GLU A 33 3.52 22.06 -9.34
N TRP A 34 2.44 22.63 -8.80
CA TRP A 34 2.17 24.04 -8.99
C TRP A 34 3.32 24.90 -8.43
N GLY A 35 3.94 24.40 -7.37
CA GLY A 35 5.04 25.11 -6.74
C GLY A 35 6.30 25.22 -7.57
N ARG A 36 6.36 24.51 -8.70
CA ARG A 36 7.50 24.59 -9.60
C ARG A 36 7.43 25.80 -10.54
N HIS A 37 6.29 26.49 -10.53
CA HIS A 37 6.12 27.75 -11.27
C HIS A 37 6.27 27.59 -12.78
N LYS A 38 5.74 26.49 -13.30
CA LYS A 38 5.58 26.28 -14.74
C LYS A 38 4.17 26.71 -15.14
N SER A 39 3.90 26.74 -16.43
CA SER A 39 2.56 27.12 -16.88
C SER A 39 1.49 26.16 -16.36
N PRO A 40 0.24 26.63 -16.23
CA PRO A 40 -0.81 25.69 -15.84
C PRO A 40 -0.87 24.44 -16.74
N LYS A 41 -0.74 24.61 -18.05
CA LYS A 41 -0.76 23.47 -18.94
C LYS A 41 0.35 22.47 -18.62
N GLN A 42 1.59 22.95 -18.49
CA GLN A 42 2.72 22.06 -18.21
C GLN A 42 2.58 21.40 -16.84
N THR A 43 2.06 22.17 -15.89
CA THR A 43 1.91 21.69 -14.53
C THR A 43 0.92 20.53 -14.47
N VAL A 44 -0.21 20.67 -15.14
CA VAL A 44 -1.21 19.62 -15.13
C VAL A 44 -0.67 18.37 -15.81
N GLU A 45 0.08 18.55 -16.89
CA GLU A 45 0.70 17.43 -17.56
C GLU A 45 1.72 16.73 -16.64
N ALA A 46 2.51 17.50 -15.91
CA ALA A 46 3.48 16.93 -14.98
C ALA A 46 2.78 16.16 -13.86
N ALA A 47 1.68 16.71 -13.40
CA ALA A 47 0.90 16.04 -12.36
C ALA A 47 0.34 14.71 -12.89
N ARG A 48 -0.24 14.72 -14.10
CA ARG A 48 -0.76 13.51 -14.67
C ARG A 48 0.33 12.44 -14.83
N THR A 49 1.51 12.86 -15.25
CA THR A 49 2.63 11.93 -15.37
C THR A 49 2.96 11.28 -14.04
N ARG A 50 2.97 12.08 -12.98
CA ARG A 50 3.23 11.52 -11.65
C ARG A 50 2.13 10.58 -11.21
N LEU A 51 0.87 10.97 -11.44
CA LEU A 51 -0.24 10.10 -11.07
C LEU A 51 -0.21 8.78 -11.84
N HIS A 52 0.20 8.84 -13.09
CA HIS A 52 0.35 7.64 -13.88
C HIS A 52 1.34 6.68 -13.23
N GLY A 53 2.44 7.22 -12.71
CA GLY A 53 3.43 6.42 -12.01
C GLY A 53 2.93 5.86 -10.68
N ILE A 54 2.15 6.67 -9.96
CA ILE A 54 1.61 6.27 -8.68
C ILE A 54 0.57 5.16 -8.85
N CYS A 55 -0.31 5.31 -9.83
CA CYS A 55 -1.27 4.26 -10.14
C CYS A 55 -0.52 3.02 -10.62
N GLY A 56 0.50 3.23 -11.42
CA GLY A 56 1.38 2.17 -11.86
C GLY A 56 0.66 1.11 -12.67
N ALA A 57 1.18 -0.09 -12.59
CA ALA A 57 0.73 -1.18 -13.43
C ALA A 57 0.13 -2.28 -12.56
N TYR A 58 -0.24 -1.97 -11.32
CA TYR A 58 -0.66 -3.04 -10.40
C TYR A 58 -1.95 -3.74 -10.81
N VAL A 59 -2.93 -2.93 -11.21
CA VAL A 59 -4.28 -3.41 -11.53
C VAL A 59 -4.86 -2.56 -12.64
N THR A 60 -5.97 -3.04 -13.20
CA THR A 60 -6.78 -2.25 -14.13
C THR A 60 -8.24 -2.43 -13.73
N PRO A 61 -9.14 -1.62 -14.31
CA PRO A 61 -10.55 -1.86 -14.01
C PRO A 61 -10.98 -3.30 -14.32
N GLU A 62 -10.48 -3.85 -15.42
CA GLU A 62 -10.82 -5.22 -15.78
C GLU A 62 -10.21 -6.24 -14.84
N SER A 63 -8.97 -6.03 -14.38
CA SER A 63 -8.40 -7.00 -13.45
C SER A 63 -9.12 -6.97 -12.09
N LEU A 64 -9.59 -5.79 -11.70
CA LEU A 64 -10.34 -5.66 -10.45
C LEU A 64 -11.69 -6.37 -10.56
N LYS A 65 -12.36 -6.22 -11.70
CA LYS A 65 -13.60 -6.91 -11.94
C LYS A 65 -13.36 -8.43 -11.89
N ALA A 66 -12.28 -8.88 -12.49
CA ALA A 66 -11.96 -10.30 -12.48
C ALA A 66 -11.63 -10.79 -11.07
N ALA A 67 -10.99 -9.94 -10.27
CA ALA A 67 -10.69 -10.33 -8.90
C ALA A 67 -11.97 -10.50 -8.08
N ALA A 68 -12.92 -9.57 -8.26
CA ALA A 68 -14.22 -9.70 -7.62
C ALA A 68 -14.96 -10.98 -8.02
N ALA A 69 -14.92 -11.31 -9.31
CA ALA A 69 -15.54 -12.54 -9.79
C ALA A 69 -14.88 -13.75 -9.15
N ALA A 70 -13.55 -13.73 -9.04
CA ALA A 70 -12.82 -14.84 -8.42
C ALA A 70 -13.27 -15.01 -6.96
N LEU A 71 -13.35 -13.91 -6.22
CA LEU A 71 -13.80 -13.98 -4.83
C LEU A 71 -15.22 -14.50 -4.72
N SER A 72 -16.08 -14.12 -5.64
CA SER A 72 -17.46 -14.60 -5.61
C SER A 72 -17.51 -16.11 -5.80
N ALA A 73 -16.54 -16.64 -6.52
CA ALA A 73 -16.44 -18.09 -6.74
C ALA A 73 -15.60 -18.77 -5.66
N GLY A 74 -15.11 -18.00 -4.69
CA GLY A 74 -14.33 -18.54 -3.60
C GLY A 74 -12.86 -18.79 -3.91
N ASP A 75 -12.40 -18.27 -5.05
CA ASP A 75 -11.03 -18.50 -5.51
C ASP A 75 -10.12 -17.34 -5.10
N VAL A 76 -9.69 -17.35 -3.84
CA VAL A 76 -8.89 -16.27 -3.30
C VAL A 76 -7.53 -16.20 -3.97
N LYS A 77 -6.93 -17.36 -4.27
CA LYS A 77 -5.63 -17.37 -4.96
C LYS A 77 -5.71 -16.64 -6.29
N LYS A 78 -6.77 -16.89 -7.06
CA LYS A 78 -6.92 -16.21 -8.34
C LYS A 78 -7.06 -14.70 -8.12
N ALA A 79 -7.84 -14.31 -7.13
CA ALA A 79 -7.96 -12.88 -6.84
C ALA A 79 -6.58 -12.26 -6.51
N LEU A 80 -5.80 -12.94 -5.67
CA LEU A 80 -4.46 -12.48 -5.33
C LEU A 80 -3.57 -12.37 -6.57
N SER A 81 -3.74 -13.26 -7.51
CA SER A 81 -2.93 -13.21 -8.72
C SER A 81 -3.23 -12.00 -9.59
N LEU A 82 -4.32 -11.28 -9.29
CA LEU A 82 -4.77 -10.17 -10.11
C LEU A 82 -4.31 -8.79 -9.62
N HIS A 83 -3.43 -8.75 -8.62
CA HIS A 83 -2.69 -7.53 -8.29
C HIS A 83 -1.23 -7.88 -8.51
N ALA A 84 -0.48 -7.06 -9.24
CA ALA A 84 0.89 -7.43 -9.58
C ALA A 84 1.76 -7.76 -8.36
N SER A 85 1.58 -7.04 -7.25
CA SER A 85 2.45 -7.25 -6.09
C SER A 85 2.16 -8.55 -5.36
N THR A 86 0.89 -8.90 -5.22
CA THR A 86 0.53 -10.19 -4.62
C THR A 86 0.82 -11.34 -5.57
N LYS A 87 0.72 -11.12 -6.88
CA LYS A 87 1.07 -12.18 -7.82
C LYS A 87 2.52 -12.57 -7.66
N GLU A 88 3.41 -11.57 -7.52
CA GLU A 88 4.84 -11.80 -7.24
C GLU A 88 5.06 -12.66 -5.98
N ARG A 89 4.19 -12.48 -4.99
CA ARG A 89 4.27 -13.10 -3.67
C ARG A 89 3.71 -14.54 -3.66
N LEU A 90 2.92 -14.89 -4.66
CA LEU A 90 2.11 -16.10 -4.57
C LEU A 90 2.92 -17.36 -4.32
N ALA A 91 4.01 -17.54 -5.02
CA ALA A 91 4.78 -18.77 -4.95
C ALA A 91 5.30 -19.10 -3.55
N GLU A 92 5.58 -18.06 -2.76
CA GLU A 92 6.19 -18.28 -1.46
C GLU A 92 5.32 -17.69 -0.35
N LEU A 93 4.03 -17.50 -0.64
CA LEU A 93 3.14 -16.80 0.27
C LEU A 93 3.10 -17.38 1.69
N ASP A 94 2.93 -18.69 1.80
CA ASP A 94 2.88 -19.29 3.12
C ASP A 94 4.24 -19.31 3.81
N THR A 95 5.32 -19.44 3.04
CA THR A 95 6.65 -19.33 3.62
C THR A 95 6.82 -17.94 4.24
N LEU A 96 6.37 -16.92 3.52
CA LEU A 96 6.49 -15.54 4.00
C LEU A 96 5.73 -15.35 5.30
N TYR A 97 4.44 -15.71 5.31
CA TYR A 97 3.67 -15.51 6.52
C TYR A 97 4.08 -16.43 7.68
N ASP A 98 4.56 -17.64 7.37
CA ASP A 98 5.12 -18.50 8.42
C ASP A 98 6.27 -17.76 9.11
N PHE A 99 7.11 -17.10 8.33
CA PHE A 99 8.25 -16.35 8.86
C PHE A 99 7.80 -15.17 9.72
N ILE A 100 6.84 -14.40 9.21
CA ILE A 100 6.39 -13.22 9.93
C ILE A 100 5.68 -13.60 11.22
N PHE A 101 4.90 -14.69 11.18
CA PHE A 101 4.06 -15.07 12.31
C PHE A 101 4.68 -16.14 13.20
N SER A 102 5.96 -16.45 13.00
CA SER A 102 6.54 -17.59 13.71
C SER A 102 6.41 -17.50 15.23
N ALA A 103 6.64 -16.33 15.79
CA ALA A 103 6.57 -16.18 17.24
C ALA A 103 5.13 -16.07 17.74
N GLU A 104 4.28 -15.43 16.94
CA GLU A 104 2.91 -15.16 17.34
C GLU A 104 2.12 -14.76 16.11
N THR A 105 0.89 -15.26 16.02
CA THR A 105 -0.01 -14.79 14.98
C THR A 105 -0.78 -13.61 15.54
N PRO A 106 -0.68 -12.43 14.90
CA PRO A 106 -1.28 -11.23 15.47
C PRO A 106 -2.81 -11.27 15.40
N ARG A 107 -3.48 -10.67 16.37
CA ARG A 107 -4.93 -10.52 16.28
C ARG A 107 -5.31 -9.46 15.26
N ARG A 108 -4.62 -8.31 15.30
CA ARG A 108 -4.97 -7.17 14.45
C ARG A 108 -3.74 -6.69 13.69
N VAL A 109 -3.88 -6.61 12.37
CA VAL A 109 -2.81 -6.17 11.47
C VAL A 109 -3.22 -4.89 10.74
N LEU A 110 -2.29 -3.94 10.70
CA LEU A 110 -2.43 -2.76 9.86
C LEU A 110 -1.61 -3.01 8.60
N ASP A 111 -2.27 -2.97 7.43
CA ASP A 111 -1.60 -3.28 6.16
C ASP A 111 -1.51 -1.94 5.42
N ILE A 112 -0.30 -1.38 5.41
CA ILE A 112 -0.12 -0.01 4.95
C ILE A 112 0.19 0.00 3.46
N ALA A 113 -0.63 0.70 2.67
CA ALA A 113 -0.56 0.61 1.18
C ALA A 113 -0.84 -0.84 0.79
N CYS A 114 -2.03 -1.31 1.16
CA CYS A 114 -2.30 -2.74 1.24
C CYS A 114 -2.41 -3.49 -0.07
N GLY A 115 -2.73 -2.80 -1.17
CA GLY A 115 -2.99 -3.55 -2.39
C GLY A 115 -4.13 -4.54 -2.16
N LEU A 116 -3.97 -5.74 -2.70
CA LEU A 116 -4.91 -6.84 -2.42
C LEU A 116 -4.38 -7.81 -1.36
N ASN A 117 -3.25 -7.48 -0.73
CA ASN A 117 -2.67 -8.35 0.26
C ASN A 117 -3.61 -8.75 1.41
N PRO A 118 -4.56 -7.88 1.81
CA PRO A 118 -5.44 -8.35 2.90
C PRO A 118 -6.13 -9.67 2.61
N LEU A 119 -6.36 -10.01 1.33
CA LEU A 119 -6.98 -11.30 1.03
C LEU A 119 -6.11 -12.45 1.52
N ALA A 120 -4.80 -12.30 1.44
CA ALA A 120 -3.87 -13.31 1.98
C ALA A 120 -3.99 -13.39 3.50
N LEU A 121 -4.21 -12.25 4.15
CA LEU A 121 -4.37 -12.26 5.60
C LEU A 121 -5.66 -12.97 6.00
N TYR A 122 -6.73 -12.80 5.22
CA TYR A 122 -7.94 -13.57 5.45
C TYR A 122 -7.64 -15.07 5.45
N GLU A 123 -6.91 -15.53 4.43
CA GLU A 123 -6.61 -16.96 4.32
C GLU A 123 -5.70 -17.44 5.44
N ARG A 124 -4.90 -16.55 6.01
CA ARG A 124 -4.07 -16.88 7.18
C ARG A 124 -4.86 -16.85 8.48
N GLY A 125 -6.15 -16.52 8.41
CA GLY A 125 -6.99 -16.55 9.58
C GLY A 125 -6.80 -15.36 10.50
N ILE A 126 -6.30 -14.24 9.98
CA ILE A 126 -6.12 -13.05 10.81
C ILE A 126 -7.50 -12.47 11.16
N ALA A 127 -7.73 -12.22 12.44
CA ALA A 127 -9.05 -11.81 12.90
C ALA A 127 -9.46 -10.40 12.50
N SER A 128 -8.50 -9.48 12.51
CA SER A 128 -8.84 -8.07 12.32
C SER A 128 -7.77 -7.42 11.46
N VAL A 129 -8.19 -6.75 10.38
CA VAL A 129 -7.26 -6.08 9.49
C VAL A 129 -7.78 -4.71 9.15
N TRP A 130 -6.90 -3.72 9.20
CA TRP A 130 -7.17 -2.40 8.64
C TRP A 130 -6.16 -2.19 7.54
N GLY A 131 -6.62 -1.92 6.33
CA GLY A 131 -5.75 -1.62 5.22
C GLY A 131 -6.02 -0.23 4.68
N CYS A 132 -4.96 0.47 4.30
CA CYS A 132 -5.13 1.74 3.62
C CYS A 132 -4.41 1.73 2.29
N ASP A 133 -4.96 2.47 1.34
CA ASP A 133 -4.32 2.64 0.05
C ASP A 133 -4.97 3.83 -0.64
N ILE A 134 -4.49 4.16 -1.84
CA ILE A 134 -4.96 5.32 -2.57
C ILE A 134 -5.80 4.97 -3.78
N HIS A 135 -6.07 3.68 -4.01
CA HIS A 135 -6.91 3.24 -5.12
C HIS A 135 -8.16 2.62 -4.53
N GLN A 136 -9.30 3.29 -4.70
CA GLN A 136 -10.53 2.80 -4.10
C GLN A 136 -10.96 1.46 -4.66
N GLY A 137 -10.52 1.13 -5.86
CA GLY A 137 -10.87 -0.16 -6.44
C GLY A 137 -10.41 -1.33 -5.58
N LEU A 138 -9.33 -1.16 -4.82
CA LEU A 138 -8.86 -2.22 -3.94
C LEU A 138 -9.88 -2.52 -2.84
N GLY A 139 -10.36 -1.47 -2.18
CA GLY A 139 -11.41 -1.66 -1.20
C GLY A 139 -12.67 -2.23 -1.84
N ASP A 140 -12.98 -1.77 -3.05
CA ASP A 140 -14.17 -2.27 -3.73
C ASP A 140 -14.11 -3.77 -4.01
N VAL A 141 -12.91 -4.32 -4.17
CA VAL A 141 -12.75 -5.77 -4.29
C VAL A 141 -12.84 -6.48 -2.94
N ILE A 142 -12.12 -5.97 -1.94
CA ILE A 142 -11.96 -6.72 -0.70
C ILE A 142 -13.21 -6.63 0.18
N THR A 143 -13.78 -5.43 0.28
CA THR A 143 -14.85 -5.18 1.22
C THR A 143 -16.11 -6.04 1.03
N PRO A 144 -16.58 -6.25 -0.22
CA PRO A 144 -17.79 -7.08 -0.34
C PRO A 144 -17.52 -8.52 0.13
N PHE A 145 -16.32 -9.02 -0.14
CA PHE A 145 -15.93 -10.35 0.28
C PHE A 145 -15.84 -10.43 1.81
N ALA A 146 -15.20 -9.43 2.42
CA ALA A 146 -15.12 -9.37 3.87
C ALA A 146 -16.50 -9.38 4.49
N ARG A 147 -17.42 -8.61 3.94
CA ARG A 147 -18.77 -8.56 4.49
C ARG A 147 -19.47 -9.92 4.33
N GLU A 148 -19.31 -10.56 3.19
CA GLU A 148 -19.88 -11.87 2.97
C GLU A 148 -19.38 -12.87 4.00
N LYS A 149 -18.10 -12.73 4.39
CA LYS A 149 -17.45 -13.69 5.28
C LYS A 149 -17.51 -13.30 6.75
N ASP A 150 -18.18 -12.19 7.07
CA ASP A 150 -18.20 -11.69 8.45
C ASP A 150 -16.79 -11.49 8.98
N TRP A 151 -15.91 -11.01 8.11
CA TRP A 151 -14.51 -10.80 8.46
C TRP A 151 -14.28 -9.33 8.78
N ASP A 152 -13.63 -9.07 9.91
CA ASP A 152 -13.35 -7.71 10.35
C ASP A 152 -12.18 -7.09 9.58
N PHE A 153 -12.47 -6.71 8.34
CA PHE A 153 -11.56 -5.95 7.50
C PHE A 153 -12.16 -4.57 7.27
N THR A 154 -11.34 -3.54 7.42
CA THR A 154 -11.73 -2.18 7.11
C THR A 154 -10.71 -1.60 6.15
N PHE A 155 -11.20 -0.86 5.16
CA PHE A 155 -10.36 -0.19 4.17
C PHE A 155 -10.50 1.30 4.35
N ALA A 156 -9.36 1.99 4.30
CA ALA A 156 -9.31 3.44 4.27
C ALA A 156 -8.65 3.90 3.00
N LEU A 157 -9.32 4.80 2.30
CA LEU A 157 -8.75 5.51 1.16
C LEU A 157 -7.94 6.66 1.75
N GLN A 158 -6.63 6.44 1.88
CA GLN A 158 -5.78 7.34 2.63
C GLN A 158 -4.37 7.35 2.05
N ASP A 159 -3.89 8.55 1.75
CA ASP A 159 -2.53 8.78 1.30
C ASP A 159 -1.67 9.04 2.53
N VAL A 160 -0.70 8.17 2.76
CA VAL A 160 0.09 8.26 3.99
C VAL A 160 1.06 9.44 4.00
N LEU A 161 1.24 10.09 2.85
CA LEU A 161 2.00 11.33 2.79
C LEU A 161 1.14 12.54 3.13
N CYS A 162 -0.18 12.35 3.16
CA CYS A 162 -1.09 13.40 3.57
C CYS A 162 -1.41 13.31 5.06
N ALA A 163 -1.59 12.09 5.57
CA ALA A 163 -1.87 11.88 6.97
C ALA A 163 -1.36 10.52 7.38
N PRO A 164 -0.76 10.43 8.58
CA PRO A 164 -0.23 9.15 9.04
C PRO A 164 -1.37 8.19 9.39
N PRO A 165 -1.14 6.86 9.29
CA PRO A 165 -2.14 5.93 9.80
C PRO A 165 -2.41 6.17 11.28
N ALA A 166 -3.68 6.35 11.64
CA ALA A 166 -4.06 6.67 13.00
C ALA A 166 -4.43 5.43 13.81
N GLU A 167 -4.69 4.32 13.12
CA GLU A 167 -5.17 3.11 13.78
C GLU A 167 -4.06 2.43 14.59
N ALA A 168 -4.47 1.44 15.37
CA ALA A 168 -3.56 0.70 16.22
C ALA A 168 -3.74 -0.78 15.96
N GLY A 169 -2.67 -1.54 16.17
CA GLY A 169 -2.75 -2.98 15.97
C GLY A 169 -1.56 -3.67 16.61
N ASP A 170 -1.51 -4.98 16.44
CA ASP A 170 -0.41 -5.78 16.95
C ASP A 170 0.80 -5.76 16.04
N LEU A 171 0.57 -5.62 14.74
CA LEU A 171 1.61 -5.71 13.73
C LEU A 171 1.24 -4.83 12.56
N ALA A 172 2.20 -4.09 12.02
CA ALA A 172 2.00 -3.38 10.76
C ALA A 172 2.82 -4.08 9.68
N LEU A 173 2.20 -4.21 8.50
CA LEU A 173 2.90 -4.64 7.30
C LEU A 173 3.18 -3.43 6.43
N ILE A 174 4.41 -3.31 5.95
CA ILE A 174 4.81 -2.22 5.07
C ILE A 174 5.59 -2.87 3.94
N PHE A 175 4.84 -3.44 3.00
CA PHE A 175 5.42 -4.24 1.93
C PHE A 175 5.54 -3.44 0.64
N LYS A 176 6.75 -3.39 0.09
CA LYS A 176 6.98 -2.81 -1.23
C LYS A 176 6.51 -1.36 -1.33
N LEU A 177 6.69 -0.62 -0.23
CA LEU A 177 6.19 0.76 -0.11
C LEU A 177 7.29 1.77 0.20
N LEU A 178 8.21 1.43 1.09
CA LEU A 178 9.18 2.42 1.51
C LEU A 178 9.98 3.07 0.37
N PRO A 179 10.44 2.27 -0.61
CA PRO A 179 11.18 2.92 -1.70
C PRO A 179 10.37 3.96 -2.46
N LEU A 180 9.11 3.67 -2.77
CA LEU A 180 8.38 4.64 -3.56
C LEU A 180 8.07 5.89 -2.74
N LEU A 181 7.87 5.74 -1.42
CA LEU A 181 7.65 6.92 -0.59
C LEU A 181 8.89 7.79 -0.53
N GLU A 182 10.05 7.15 -0.33
CA GLU A 182 11.29 7.88 -0.22
C GLU A 182 11.62 8.62 -1.50
N ARG A 183 11.37 8.01 -2.65
CA ARG A 183 11.68 8.64 -3.93
C ARG A 183 10.86 9.90 -4.10
N GLU A 184 9.66 9.89 -3.56
CA GLU A 184 8.72 10.98 -3.69
C GLU A 184 8.88 12.09 -2.66
N GLN A 185 9.35 11.73 -1.47
CA GLN A 185 9.55 12.70 -0.41
C GLN A 185 10.63 12.18 0.52
N ALA A 186 11.81 12.79 0.42
CA ALA A 186 12.94 12.34 1.21
C ALA A 186 12.59 12.37 2.68
N GLY A 187 12.97 11.30 3.40
CA GLY A 187 12.72 11.21 4.81
C GLY A 187 11.36 10.65 5.18
N SER A 188 10.47 10.49 4.20
CA SER A 188 9.11 10.08 4.51
C SER A 188 9.01 8.62 4.93
N ALA A 189 9.89 7.78 4.43
CA ALA A 189 9.76 6.35 4.72
C ALA A 189 9.96 6.05 6.20
N MET A 190 11.03 6.60 6.77
CA MET A 190 11.28 6.34 8.19
C MET A 190 10.27 7.10 9.07
N ALA A 191 9.83 8.28 8.63
CA ALA A 191 8.79 8.99 9.35
C ALA A 191 7.49 8.17 9.41
N LEU A 192 7.16 7.48 8.33
CA LEU A 192 5.99 6.61 8.34
C LEU A 192 6.16 5.55 9.43
N LEU A 193 7.31 4.89 9.47
CA LEU A 193 7.51 3.85 10.48
C LEU A 193 7.36 4.42 11.89
N GLN A 194 7.90 5.61 12.10
CA GLN A 194 7.82 6.24 13.41
C GLN A 194 6.40 6.58 13.82
N SER A 195 5.51 6.73 12.85
CA SER A 195 4.13 7.09 13.14
C SER A 195 3.21 5.90 13.50
N LEU A 196 3.67 4.68 13.23
CA LEU A 196 2.75 3.53 13.33
C LEU A 196 2.51 3.05 14.75
N ASN A 197 1.24 2.90 15.10
CA ASN A 197 0.85 2.48 16.44
C ASN A 197 0.77 0.98 16.55
N THR A 198 1.91 0.33 16.34
CA THR A 198 2.06 -1.11 16.50
C THR A 198 3.40 -1.35 17.17
N PRO A 199 3.50 -2.41 18.00
CA PRO A 199 4.77 -2.69 18.68
C PRO A 199 5.79 -3.37 17.77
N ARG A 200 5.31 -3.98 16.68
CA ARG A 200 6.17 -4.69 15.74
C ARG A 200 5.70 -4.41 14.32
N MET A 201 6.62 -4.55 13.38
CA MET A 201 6.36 -4.31 11.97
C MET A 201 7.11 -5.31 11.13
N ALA A 202 6.60 -5.56 9.93
CA ALA A 202 7.29 -6.35 8.92
C ALA A 202 7.41 -5.47 7.68
N VAL A 203 8.65 -5.21 7.27
CA VAL A 203 8.94 -4.30 6.16
C VAL A 203 9.57 -5.09 5.05
N SER A 204 9.09 -4.94 3.81
CA SER A 204 9.68 -5.69 2.71
C SER A 204 10.09 -4.82 1.53
N PHE A 205 11.08 -5.32 0.81
CA PHE A 205 11.63 -4.66 -0.36
C PHE A 205 11.73 -5.69 -1.47
N PRO A 206 11.58 -5.27 -2.74
CA PRO A 206 11.90 -6.18 -3.84
C PRO A 206 13.38 -6.53 -3.82
N THR A 207 13.73 -7.76 -4.21
CA THR A 207 15.11 -8.21 -4.21
C THR A 207 15.29 -9.40 -5.15
N ARG A 208 16.48 -9.54 -5.73
CA ARG A 208 17.05 -10.85 -5.95
C ARG A 208 17.86 -10.69 -4.70
N ASN A 220 20.31 -1.44 -3.47
CA ASN A 220 20.92 -1.02 -2.21
C ASN A 220 19.88 -0.82 -1.07
N TYR A 221 18.73 -1.47 -1.17
CA TYR A 221 17.69 -1.32 -0.13
C TYR A 221 18.12 -1.80 1.25
N ALA A 222 18.84 -2.91 1.32
CA ALA A 222 19.28 -3.41 2.62
C ALA A 222 20.16 -2.38 3.31
N ALA A 223 21.16 -1.87 2.59
CA ALA A 223 22.06 -0.87 3.15
C ALA A 223 21.28 0.38 3.53
N TRP A 224 20.39 0.83 2.65
CA TRP A 224 19.60 2.02 2.95
C TRP A 224 18.79 1.82 4.24
N PHE A 225 18.10 0.69 4.33
CA PHE A 225 17.23 0.44 5.47
C PHE A 225 18.02 0.28 6.77
N GLU A 226 19.06 -0.54 6.73
CA GLU A 226 19.85 -0.81 7.93
C GLU A 226 20.58 0.43 8.41
N GLY A 227 21.01 1.27 7.48
CA GLY A 227 21.72 2.48 7.86
C GLY A 227 20.80 3.59 8.35
N GLY A 228 19.54 3.57 7.92
CA GLY A 228 18.63 4.65 8.19
C GLY A 228 17.58 4.41 9.24
N LEU A 229 17.41 3.15 9.67
CA LEU A 229 16.36 2.82 10.62
C LEU A 229 16.58 3.55 11.94
N PRO A 230 15.61 4.36 12.38
CA PRO A 230 15.82 5.14 13.62
C PRO A 230 16.13 4.27 14.83
N ALA A 231 16.85 4.84 15.78
CA ALA A 231 17.40 4.11 16.92
C ALA A 231 16.35 3.43 17.82
N GLU A 232 15.12 3.91 17.79
CA GLU A 232 14.09 3.32 18.65
C GLU A 232 13.57 1.98 18.11
N PHE A 233 14.02 1.60 16.92
CA PHE A 233 13.67 0.30 16.37
C PHE A 233 14.83 -0.65 16.43
N GLU A 234 14.50 -1.92 16.61
CA GLU A 234 15.47 -3.00 16.60
C GLU A 234 15.07 -4.00 15.50
N ILE A 235 16.04 -4.43 14.70
CA ILE A 235 15.82 -5.51 13.75
C ILE A 235 15.92 -6.84 14.46
N GLU A 236 14.84 -7.60 14.44
CA GLU A 236 14.78 -8.90 15.10
C GLU A 236 15.15 -10.03 14.13
N ASP A 237 14.80 -9.89 12.86
CA ASP A 237 15.18 -10.90 11.86
C ASP A 237 15.14 -10.28 10.47
N LYS A 238 15.79 -10.95 9.53
CA LYS A 238 15.95 -10.47 8.18
C LYS A 238 16.08 -11.70 7.29
N LYS A 239 15.30 -11.80 6.22
CA LYS A 239 15.38 -12.97 5.36
C LYS A 239 14.91 -12.63 3.96
N THR A 240 15.49 -13.27 2.96
CA THR A 240 14.98 -13.18 1.61
C THR A 240 14.07 -14.38 1.36
N ILE A 241 12.82 -14.09 0.99
CA ILE A 241 11.84 -15.12 0.72
C ILE A 241 11.24 -14.79 -0.64
N GLY A 242 11.41 -15.68 -1.60
CA GLY A 242 11.03 -15.38 -2.98
C GLY A 242 11.81 -14.18 -3.48
N THR A 243 11.12 -13.19 -4.03
CA THR A 243 11.79 -11.98 -4.50
C THR A 243 11.55 -10.80 -3.57
N GLU A 244 11.38 -11.08 -2.28
CA GLU A 244 11.26 -10.03 -1.27
C GLU A 244 12.31 -10.22 -0.18
N LEU A 245 12.89 -9.09 0.21
CA LEU A 245 13.73 -9.02 1.39
C LEU A 245 12.84 -8.52 2.52
N ILE A 246 12.74 -9.29 3.60
CA ILE A 246 11.81 -8.97 4.69
C ILE A 246 12.56 -8.75 5.99
N TYR A 247 12.24 -7.66 6.66
CA TYR A 247 12.73 -7.36 8.00
C TYR A 247 11.58 -7.43 8.99
N LEU A 248 11.86 -8.07 10.13
CA LEU A 248 10.96 -8.03 11.28
C LEU A 248 11.59 -7.07 12.28
N ILE A 249 10.86 -6.01 12.62
CA ILE A 249 11.38 -5.01 13.53
C ILE A 249 10.46 -4.82 14.73
N LYS A 250 11.04 -4.35 15.82
CA LYS A 250 10.31 -4.06 17.05
C LYS A 250 10.57 -2.63 17.45
N LYS A 251 9.53 -1.95 17.92
CA LYS A 251 9.70 -0.58 18.38
C LYS A 251 9.89 -0.52 19.89
N ASN A 252 10.98 0.12 20.30
CA ASN A 252 11.23 0.36 21.71
C ASN A 252 10.93 1.82 22.06
N SAH B . 1.66 -3.67 0.03
CA SAH B . 1.04 -4.32 -1.13
CB SAH B . 1.03 -3.42 -2.37
CG SAH B . 2.44 -2.99 -2.79
SD SAH B . 2.45 -2.01 -4.32
C SAH B . 1.75 -5.62 -1.42
O SAH B . 2.94 -5.72 -1.08
OXT SAH B . 1.13 -6.54 -2.01
C5' SAH B . 2.54 -0.32 -3.65
C4' SAH B . 1.20 0.19 -3.13
O4' SAH B . 1.41 1.50 -2.60
C3' SAH B . 0.11 0.32 -4.20
O3' SAH B . -1.07 -0.40 -3.85
C2' SAH B . -0.11 1.83 -4.27
O2' SAH B . -1.40 2.24 -4.65
C1' SAH B . 0.24 2.27 -2.86
N9 SAH B . 0.59 3.67 -2.66
C8 SAH B . 1.44 4.44 -3.42
N7 SAH B . 1.60 5.64 -2.87
C5 SAH B . 0.85 5.66 -1.73
C6 SAH B . 0.63 6.64 -0.76
N6 SAH B . 1.20 7.85 -0.83
N1 SAH B . -0.19 6.34 0.28
C2 SAH B . -0.79 5.10 0.35
N3 SAH B . -0.59 4.11 -0.56
C4 SAH B . 0.23 4.41 -1.58
#